data_5DSF
#
_entry.id   5DSF
#
_cell.length_a   37.680
_cell.length_b   88.349
_cell.length_c   52.671
_cell.angle_alpha   90.000
_cell.angle_beta   100.930
_cell.angle_gamma   90.000
#
_symmetry.space_group_name_H-M   'P 1 21 1'
#
loop_
_entity.id
_entity.type
_entity.pdbx_description
1 polymer 'Alkylmercury lyase'
2 non-polymer 'MERCURY (II) ION'
3 non-polymer 'BROMIDE ION'
4 water water
#
_entity_poly.entity_id   1
_entity_poly.type   'polypeptide(L)'
_entity_poly.pdbx_seq_one_letter_code
;MKLAPYILELLTSVNRTNGTADLLVPLLRELAKGRPVSRTTLAGILDWPAERVAAVLEQATSTEYDKDGNIIGYGLTLRE
TSYVFEIDDRRLYAWCALSTLIFPALIGRTARVSSHCAATGAPVSLTVSPSEIQAVEPAGMAVSLVLPQEAADVRQSFCC
HVHFFASVPTAEDWASKHQGLEGLAIVSVHEAFGLGQEFNRHLLQTMSSRTP
;
_entity_poly.pdbx_strand_id   A,B
#
loop_
_chem_comp.id
_chem_comp.type
_chem_comp.name
_chem_comp.formula
BR non-polymer 'BROMIDE ION' 'Br -1'
HG non-polymer 'MERCURY (II) ION' 'Hg 2'
#
# COMPACT_ATOMS: atom_id res chain seq x y z
N MET A 1 12.14 -25.34 -0.93
CA MET A 1 11.12 -25.62 0.12
C MET A 1 9.79 -26.12 -0.46
N LYS A 2 8.88 -26.48 0.44
CA LYS A 2 7.56 -26.97 0.08
C LYS A 2 6.63 -25.83 -0.25
N LEU A 3 6.21 -25.76 -1.52
CA LEU A 3 5.45 -24.63 -2.03
C LEU A 3 3.95 -24.83 -2.15
N ALA A 4 3.51 -26.08 -2.02
CA ALA A 4 2.11 -26.40 -2.21
C ALA A 4 1.18 -25.52 -1.38
N PRO A 5 1.52 -25.27 -0.10
CA PRO A 5 0.53 -24.49 0.66
C PRO A 5 0.46 -23.06 0.20
N TYR A 6 1.58 -22.53 -0.27
CA TYR A 6 1.59 -21.20 -0.85
C TYR A 6 0.74 -21.15 -2.10
N ILE A 7 1.00 -22.08 -3.03
CA ILE A 7 0.19 -22.14 -4.25
C ILE A 7 -1.29 -22.34 -3.94
N LEU A 8 -1.60 -23.28 -3.05
CA LEU A 8 -3.00 -23.53 -2.69
C LEU A 8 -3.71 -22.29 -2.13
N GLU A 9 -3.07 -21.59 -1.20
CA GLU A 9 -3.71 -20.45 -0.57
C GLU A 9 -3.79 -19.25 -1.51
N LEU A 10 -2.86 -19.16 -2.43
CA LEU A 10 -2.94 -18.09 -3.41
C LEU A 10 -4.03 -18.35 -4.41
N LEU A 11 -4.14 -19.59 -4.90
CA LEU A 11 -5.25 -19.97 -5.77
C LEU A 11 -6.58 -19.79 -5.13
N THR A 12 -6.72 -20.29 -3.92
CA THR A 12 -7.97 -20.18 -3.17
C THR A 12 -8.42 -18.73 -3.11
N SER A 13 -7.47 -17.84 -2.85
CA SER A 13 -7.76 -16.42 -2.74
C SER A 13 -8.35 -15.78 -4.00
N VAL A 14 -7.93 -16.20 -5.19
CA VAL A 14 -8.42 -15.52 -6.38
C VAL A 14 -9.74 -16.12 -6.81
N ASN A 15 -9.98 -17.41 -6.50
CA ASN A 15 -11.38 -17.82 -6.58
C ASN A 15 -12.15 -17.23 -5.43
N ARG A 16 -12.41 -15.96 -5.57
CA ARG A 16 -13.36 -15.25 -4.74
C ARG A 16 -14.67 -15.73 -5.24
N THR A 17 -15.03 -15.31 -6.43
CA THR A 17 -16.21 -15.82 -7.07
C THR A 17 -15.76 -16.20 -8.45
N ASN A 18 -16.61 -16.97 -9.14
CA ASN A 18 -16.38 -17.26 -10.55
C ASN A 18 -16.31 -15.96 -11.30
N GLY A 19 -15.23 -15.79 -12.05
CA GLY A 19 -15.05 -14.61 -12.85
C GLY A 19 -13.63 -14.13 -12.75
N THR A 20 -13.08 -14.12 -11.54
CA THR A 20 -11.74 -13.55 -11.31
C THR A 20 -10.70 -14.07 -12.30
N ALA A 21 -10.43 -15.37 -12.28
CA ALA A 21 -9.47 -15.95 -13.22
C ALA A 21 -9.71 -15.47 -14.67
N ASP A 22 -10.94 -15.59 -15.15
CA ASP A 22 -11.22 -15.25 -16.54
C ASP A 22 -11.17 -13.75 -16.77
N LEU A 23 -11.44 -12.96 -15.74
CA LEU A 23 -11.28 -11.50 -15.88
C LEU A 23 -9.80 -11.09 -15.77
N LEU A 24 -9.07 -11.80 -14.92
CA LEU A 24 -7.73 -11.40 -14.52
C LEU A 24 -6.81 -11.25 -15.73
N VAL A 25 -6.79 -12.24 -16.62
CA VAL A 25 -5.82 -12.20 -17.71
C VAL A 25 -6.05 -11.08 -18.72
N PRO A 26 -7.31 -10.91 -19.20
CA PRO A 26 -7.55 -9.76 -20.07
C PRO A 26 -7.35 -8.44 -19.37
N LEU A 27 -7.65 -8.35 -18.09
CA LEU A 27 -7.47 -7.08 -17.42
C LEU A 27 -5.97 -6.75 -17.38
N LEU A 28 -5.13 -7.75 -17.12
CA LEU A 28 -3.69 -7.51 -17.02
C LEU A 28 -3.14 -7.10 -18.37
N ARG A 29 -3.68 -7.72 -19.41
CA ARG A 29 -3.18 -7.43 -20.74
C ARG A 29 -3.57 -6.04 -21.17
N GLU A 30 -4.72 -5.56 -20.70
CA GLU A 30 -5.10 -4.16 -20.94
C GLU A 30 -4.27 -3.19 -20.11
N LEU A 31 -4.08 -3.47 -18.83
CA LEU A 31 -3.28 -2.58 -18.00
C LEU A 31 -1.85 -2.48 -18.54
N ALA A 32 -1.34 -3.55 -19.13
CA ALA A 32 0.01 -3.58 -19.61
C ALA A 32 0.25 -2.56 -20.73
N LYS A 33 -0.83 -2.08 -21.34
CA LYS A 33 -0.74 -1.06 -22.36
C LYS A 33 -0.38 0.31 -21.77
N GLY A 34 -0.44 0.43 -20.44
CA GLY A 34 -0.05 1.67 -19.76
C GLY A 34 -1.13 2.73 -19.56
N ARG A 35 -2.38 2.45 -19.92
CA ARG A 35 -3.44 3.42 -19.71
C ARG A 35 -4.58 2.87 -18.84
N PRO A 36 -5.38 3.79 -18.25
CA PRO A 36 -6.49 3.29 -17.42
C PRO A 36 -7.43 2.43 -18.26
N VAL A 37 -8.09 1.46 -17.63
CA VAL A 37 -8.93 0.50 -18.37
C VAL A 37 -10.36 0.70 -17.96
N SER A 38 -11.23 0.85 -18.94
CA SER A 38 -12.62 1.05 -18.64
C SER A 38 -13.32 -0.29 -18.45
N ARG A 39 -14.27 -0.27 -17.53
CA ARG A 39 -15.15 -1.40 -17.26
C ARG A 39 -15.87 -1.91 -18.51
N THR A 40 -16.21 -1.00 -19.45
CA THR A 40 -16.83 -1.39 -20.71
C THR A 40 -15.83 -2.08 -21.64
N THR A 41 -14.60 -1.61 -21.66
CA THR A 41 -13.60 -2.26 -22.51
C THR A 41 -13.44 -3.70 -22.06
N LEU A 42 -13.32 -3.94 -20.77
CA LEU A 42 -13.23 -5.32 -20.29
C LEU A 42 -14.41 -6.14 -20.75
N ALA A 43 -15.61 -5.57 -20.62
CA ALA A 43 -16.85 -6.22 -21.02
C ALA A 43 -16.84 -6.62 -22.51
N GLY A 44 -16.27 -5.78 -23.36
CA GLY A 44 -16.17 -6.11 -24.77
C GLY A 44 -15.30 -7.35 -24.99
N ILE A 45 -14.21 -7.43 -24.23
CA ILE A 45 -13.23 -8.50 -24.39
C ILE A 45 -13.81 -9.80 -23.84
N LEU A 46 -14.51 -9.69 -22.71
CA LEU A 46 -15.09 -10.83 -22.01
C LEU A 46 -16.46 -11.25 -22.53
N ASP A 47 -17.13 -10.31 -23.19
CA ASP A 47 -18.54 -10.44 -23.51
C ASP A 47 -19.35 -10.72 -22.27
N TRP A 48 -19.17 -9.88 -21.26
CA TRP A 48 -20.04 -9.89 -20.10
C TRP A 48 -20.80 -8.56 -20.03
N PRO A 49 -21.91 -8.54 -19.28
CA PRO A 49 -22.51 -7.25 -18.92
C PRO A 49 -21.61 -6.51 -17.96
N ALA A 50 -21.51 -5.19 -18.08
CA ALA A 50 -20.56 -4.42 -17.28
C ALA A 50 -20.79 -4.60 -15.78
N GLU A 51 -22.04 -4.88 -15.41
CA GLU A 51 -22.40 -5.02 -13.99
C GLU A 51 -21.86 -6.34 -13.43
N ARG A 52 -21.77 -7.36 -14.28
CA ARG A 52 -21.08 -8.56 -13.85
C ARG A 52 -19.61 -8.22 -13.62
N VAL A 53 -19.00 -7.52 -14.57
CA VAL A 53 -17.61 -7.09 -14.43
C VAL A 53 -17.44 -6.34 -13.12
N ALA A 54 -18.34 -5.41 -12.81
CA ALA A 54 -18.27 -4.65 -11.53
C ALA A 54 -18.43 -5.56 -10.31
N ALA A 55 -19.29 -6.56 -10.43
CA ALA A 55 -19.52 -7.52 -9.34
C ALA A 55 -18.25 -8.32 -9.00
N VAL A 56 -17.52 -8.73 -10.03
CA VAL A 56 -16.24 -9.38 -9.80
C VAL A 56 -15.30 -8.40 -9.09
N LEU A 57 -15.06 -7.24 -9.70
CA LEU A 57 -14.15 -6.26 -9.11
C LEU A 57 -14.50 -5.77 -7.70
N GLU A 58 -15.79 -5.71 -7.34
CA GLU A 58 -16.14 -5.28 -5.98
C GLU A 58 -15.67 -6.30 -4.91
N GLN A 59 -15.58 -7.58 -5.26
CA GLN A 59 -15.01 -8.59 -4.34
C GLN A 59 -13.51 -8.39 -4.12
N ALA A 60 -12.87 -7.73 -5.10
CA ALA A 60 -11.45 -7.44 -5.02
C ALA A 60 -11.23 -6.04 -4.44
N THR A 61 -11.16 -5.96 -3.11
CA THR A 61 -11.24 -4.69 -2.40
C THR A 61 -10.03 -3.77 -2.60
N SER A 62 -8.90 -4.33 -3.02
CA SER A 62 -7.72 -3.49 -3.19
C SER A 62 -7.65 -2.91 -4.60
N THR A 63 -8.63 -3.21 -5.47
CA THR A 63 -8.62 -2.63 -6.82
C THR A 63 -8.53 -1.09 -6.77
N GLU A 64 -7.57 -0.55 -7.53
CA GLU A 64 -7.37 0.89 -7.63
C GLU A 64 -8.05 1.48 -8.87
N TYR A 65 -8.67 2.63 -8.68
CA TYR A 65 -9.37 3.39 -9.72
C TYR A 65 -8.78 4.80 -9.74
N ASP A 66 -8.86 5.50 -10.88
CA ASP A 66 -8.44 6.90 -10.94
C ASP A 66 -9.69 7.78 -10.77
N LYS A 67 -9.49 9.09 -10.91
CA LYS A 67 -10.51 10.09 -10.74
C LYS A 67 -11.63 9.95 -11.73
N ASP A 68 -11.42 9.22 -12.81
CA ASP A 68 -12.48 9.02 -13.81
C ASP A 68 -13.28 7.74 -13.56
N GLY A 69 -12.89 6.95 -12.55
CA GLY A 69 -13.58 5.70 -12.24
C GLY A 69 -13.09 4.51 -13.07
N ASN A 70 -12.01 4.71 -13.82
CA ASN A 70 -11.41 3.63 -14.58
C ASN A 70 -10.42 2.87 -13.72
N ILE A 71 -10.23 1.61 -14.08
CA ILE A 71 -9.33 0.71 -13.38
C ILE A 71 -7.88 1.06 -13.71
N ILE A 72 -7.08 1.34 -12.67
CA ILE A 72 -5.64 1.61 -12.88
C ILE A 72 -4.73 0.66 -12.11
N GLY A 73 -5.30 -0.17 -11.25
CA GLY A 73 -4.49 -1.11 -10.47
C GLY A 73 -5.19 -2.40 -10.14
N TYR A 74 -4.58 -3.50 -10.57
CA TYR A 74 -5.04 -4.84 -10.20
C TYR A 74 -3.89 -5.83 -10.37
N GLY A 75 -2.99 -5.88 -9.39
CA GLY A 75 -1.76 -6.64 -9.49
C GLY A 75 -0.71 -5.83 -10.21
N LEU A 76 -0.99 -5.54 -11.47
CA LEU A 76 -0.29 -4.50 -12.21
C LEU A 76 -1.00 -3.20 -11.97
N THR A 77 -0.22 -2.14 -11.80
CA THR A 77 -0.79 -0.84 -11.51
C THR A 77 -0.02 0.33 -12.14
N LEU A 78 -0.79 1.36 -12.43
CA LEU A 78 -0.29 2.63 -12.97
C LEU A 78 0.11 3.52 -11.81
N ARG A 79 -0.28 3.17 -10.58
CA ARG A 79 0.09 3.99 -9.43
C ARG A 79 1.42 3.50 -8.86
N GLU A 80 2.32 4.43 -8.60
CA GLU A 80 3.66 4.09 -8.17
C GLU A 80 3.73 3.19 -6.94
N THR A 81 4.52 2.15 -7.08
CA THR A 81 4.94 1.29 -5.99
C THR A 81 6.46 1.10 -6.04
N SER A 82 6.98 0.29 -5.12
CA SER A 82 8.40 -0.11 -5.13
C SER A 82 8.85 -1.05 -6.26
N TYR A 83 7.90 -1.56 -7.02
CA TYR A 83 8.17 -2.60 -8.02
C TYR A 83 7.85 -2.06 -9.38
N VAL A 84 8.87 -1.68 -10.14
CA VAL A 84 8.68 -1.08 -11.45
C VAL A 84 8.63 -2.20 -12.47
N PHE A 85 7.75 -2.09 -13.43
CA PHE A 85 7.44 -3.18 -14.32
C PHE A 85 7.20 -2.57 -15.69
N GLU A 86 8.22 -2.62 -16.54
CA GLU A 86 8.16 -1.94 -17.83
C GLU A 86 8.01 -2.93 -18.96
N ILE A 87 7.03 -2.62 -19.80
CA ILE A 87 6.64 -3.38 -20.97
C ILE A 87 6.72 -2.41 -22.12
N ASP A 88 7.45 -2.73 -23.19
CA ASP A 88 7.63 -1.76 -24.27
C ASP A 88 8.09 -0.40 -23.71
N ASP A 89 7.44 0.66 -24.18
CA ASP A 89 7.79 2.03 -23.83
C ASP A 89 6.93 2.60 -22.69
N ARG A 90 6.40 1.72 -21.86
CA ARG A 90 5.46 2.14 -20.81
C ARG A 90 5.98 1.65 -19.46
N ARG A 91 6.15 2.57 -18.51
CA ARG A 91 6.47 2.20 -17.15
C ARG A 91 5.18 1.93 -16.39
N LEU A 92 5.11 0.74 -15.82
CA LEU A 92 4.00 0.31 -15.00
C LEU A 92 4.61 -0.16 -13.69
N TYR A 93 3.78 -0.52 -12.75
CA TYR A 93 4.26 -0.93 -11.45
C TYR A 93 3.53 -2.22 -11.06
N ALA A 94 3.98 -2.85 -9.99
CA ALA A 94 3.34 -4.06 -9.53
C ALA A 94 3.18 -4.03 -8.04
N TRP A 95 2.24 -4.82 -7.53
CA TRP A 95 1.93 -4.79 -6.10
C TRP A 95 2.95 -5.46 -5.21
N CYS A 96 3.69 -6.42 -5.75
CA CYS A 96 4.71 -7.10 -4.97
C CYS A 96 5.74 -7.76 -5.85
N ALA A 97 6.78 -8.32 -5.22
CA ALA A 97 7.84 -9.00 -5.97
C ALA A 97 7.33 -10.18 -6.82
N LEU A 98 6.43 -10.98 -6.27
CA LEU A 98 6.00 -12.18 -6.93
C LEU A 98 5.13 -11.85 -8.13
N SER A 99 4.35 -10.78 -8.02
CA SER A 99 3.59 -10.24 -9.14
C SER A 99 4.46 -10.08 -10.40
N THR A 100 5.65 -9.51 -10.21
CA THR A 100 6.52 -9.18 -11.33
C THR A 100 7.01 -10.45 -12.00
N LEU A 101 6.96 -11.55 -11.26
CA LEU A 101 7.47 -12.81 -11.73
C LEU A 101 6.38 -13.58 -12.45
N ILE A 102 5.12 -13.34 -12.04
CA ILE A 102 3.95 -14.08 -12.51
C ILE A 102 3.35 -13.46 -13.77
N PHE A 103 3.25 -12.13 -13.78
CA PHE A 103 2.41 -11.50 -14.78
C PHE A 103 2.97 -11.58 -16.20
N PRO A 104 4.32 -11.68 -16.36
CA PRO A 104 4.80 -11.75 -17.75
C PRO A 104 4.27 -12.98 -18.50
N ALA A 105 4.13 -14.11 -17.81
CA ALA A 105 3.58 -15.29 -18.49
C ALA A 105 2.12 -15.04 -18.83
N LEU A 106 1.40 -14.42 -17.92
CA LEU A 106 -0.02 -14.22 -18.14
C LEU A 106 -0.35 -13.25 -19.25
N ILE A 107 0.47 -12.22 -19.44
CA ILE A 107 0.19 -11.23 -20.47
C ILE A 107 0.94 -11.57 -21.74
N GLY A 108 1.82 -12.56 -21.67
CA GLY A 108 2.59 -13.01 -22.84
C GLY A 108 3.73 -12.13 -23.32
N ARG A 109 4.31 -11.33 -22.42
CA ARG A 109 5.38 -10.39 -22.77
C ARG A 109 6.53 -10.43 -21.78
N THR A 110 7.72 -10.06 -22.24
CA THR A 110 8.88 -9.92 -21.39
C THR A 110 8.81 -8.57 -20.73
N ALA A 111 9.13 -8.51 -19.44
CA ALA A 111 9.10 -7.28 -18.67
C ALA A 111 10.48 -6.95 -18.16
N ARG A 112 10.79 -5.66 -18.12
CA ARG A 112 11.94 -5.18 -17.39
C ARG A 112 11.52 -4.75 -15.99
N VAL A 113 11.99 -5.47 -14.98
CA VAL A 113 11.60 -5.28 -13.60
C VAL A 113 12.73 -4.65 -12.82
N SER A 114 12.42 -3.68 -11.98
CA SER A 114 13.44 -3.08 -11.14
C SER A 114 12.84 -2.65 -9.81
N SER A 115 13.66 -2.70 -8.76
CA SER A 115 13.16 -2.37 -7.46
C SER A 115 14.38 -2.01 -6.64
N HIS A 116 14.20 -1.97 -5.33
CA HIS A 116 15.30 -1.75 -4.39
C HIS A 116 15.22 -2.78 -3.28
N CYS A 117 16.36 -3.27 -2.83
CA CYS A 117 16.39 -4.22 -1.74
C CYS A 117 15.68 -3.64 -0.54
N ALA A 118 14.78 -4.42 0.04
CA ALA A 118 13.96 -3.94 1.14
C ALA A 118 14.80 -3.84 2.43
N ALA A 119 15.93 -4.56 2.50
CA ALA A 119 16.85 -4.46 3.66
C ALA A 119 17.92 -3.39 3.53
N THR A 120 18.43 -3.17 2.33
CA THR A 120 19.63 -2.32 2.17
C THR A 120 19.42 -1.12 1.27
N GLY A 121 18.34 -1.16 0.47
CA GLY A 121 18.04 -0.08 -0.45
C GLY A 121 18.84 -0.16 -1.73
N ALA A 122 19.68 -1.17 -1.88
CA ALA A 122 20.42 -1.37 -3.13
C ALA A 122 19.48 -1.60 -4.33
N PRO A 123 19.79 -0.99 -5.49
CA PRO A 123 18.91 -1.28 -6.64
C PRO A 123 19.03 -2.73 -7.07
N VAL A 124 17.93 -3.27 -7.58
CA VAL A 124 17.87 -4.63 -8.09
C VAL A 124 17.07 -4.59 -9.35
N SER A 125 17.40 -5.45 -10.31
CA SER A 125 16.68 -5.52 -11.56
C SER A 125 16.82 -6.88 -12.18
N LEU A 126 15.84 -7.23 -13.00
CA LEU A 126 15.92 -8.41 -13.82
C LEU A 126 14.99 -8.27 -14.99
N THR A 127 15.19 -9.14 -15.98
CA THR A 127 14.28 -9.28 -17.11
C THR A 127 13.45 -10.55 -16.94
N VAL A 128 12.14 -10.42 -17.04
CA VAL A 128 11.26 -11.53 -16.76
C VAL A 128 10.43 -11.83 -17.99
N SER A 129 10.61 -13.04 -18.51
CA SER A 129 9.89 -13.54 -19.67
C SER A 129 8.85 -14.54 -19.24
N PRO A 130 7.93 -14.93 -20.13
CA PRO A 130 6.97 -15.98 -19.74
C PRO A 130 7.64 -17.26 -19.30
N SER A 131 8.82 -17.54 -19.82
CA SER A 131 9.45 -18.86 -19.61
C SER A 131 10.73 -18.85 -18.74
N GLU A 132 11.32 -17.68 -18.55
CA GLU A 132 12.60 -17.60 -17.87
C GLU A 132 12.88 -16.20 -17.33
N ILE A 133 13.87 -16.11 -16.46
CA ILE A 133 14.40 -14.82 -16.04
C ILE A 133 15.85 -14.71 -16.52
N GLN A 134 16.29 -13.47 -16.70
CA GLN A 134 17.61 -13.13 -17.23
C GLN A 134 18.13 -11.84 -16.58
N ALA A 135 19.42 -11.59 -16.72
CA ALA A 135 20.00 -10.33 -16.28
C ALA A 135 19.67 -10.04 -14.82
N VAL A 136 19.71 -11.08 -13.99
CA VAL A 136 19.38 -10.94 -12.57
C VAL A 136 20.51 -10.18 -11.88
N GLU A 137 20.29 -8.93 -11.48
CA GLU A 137 21.36 -8.13 -10.89
C GLU A 137 20.91 -7.49 -9.59
N PRO A 138 21.63 -7.80 -8.48
CA PRO A 138 22.72 -8.76 -8.33
C PRO A 138 22.24 -10.19 -8.48
N ALA A 139 23.12 -11.09 -8.90
CA ALA A 139 22.73 -12.46 -9.26
C ALA A 139 22.11 -13.31 -8.13
N GLY A 140 22.37 -12.96 -6.87
CA GLY A 140 21.92 -13.76 -5.75
C GLY A 140 20.61 -13.23 -5.13
N MET A 141 19.89 -12.43 -5.91
CA MET A 141 18.65 -11.80 -5.51
C MET A 141 17.66 -12.79 -4.87
N ALA A 142 16.95 -12.31 -3.87
CA ALA A 142 16.05 -13.16 -3.07
C ALA A 142 14.69 -12.48 -2.94
N VAL A 143 13.72 -13.29 -2.49
CA VAL A 143 12.32 -12.89 -2.43
C VAL A 143 11.77 -13.37 -1.06
N SER A 144 10.98 -12.53 -0.37
CA SER A 144 10.30 -13.02 0.83
C SER A 144 8.90 -13.48 0.44
N LEU A 145 8.45 -14.52 1.13
CA LEU A 145 7.13 -15.07 0.95
C LEU A 145 6.43 -15.11 2.25
N VAL A 146 5.12 -14.93 2.24
CA VAL A 146 4.30 -15.30 3.39
C VAL A 146 3.11 -16.09 2.91
N LEU A 147 2.43 -16.75 3.84
CA LEU A 147 1.25 -17.52 3.47
C LEU A 147 0.07 -16.59 3.24
N PRO A 148 -0.57 -16.68 2.08
CA PRO A 148 -1.75 -15.81 1.95
C PRO A 148 -2.88 -16.25 2.89
N GLN A 149 -3.76 -15.31 3.22
CA GLN A 149 -4.91 -15.58 4.06
C GLN A 149 -6.14 -15.53 3.17
N GLU A 150 -7.07 -16.47 3.34
CA GLU A 150 -8.09 -16.70 2.33
C GLU A 150 -9.04 -15.51 2.10
N ALA A 151 -9.71 -15.07 3.16
CA ALA A 151 -10.74 -14.04 3.02
C ALA A 151 -10.19 -12.64 3.27
N ALA A 152 -8.88 -12.54 3.41
CA ALA A 152 -8.25 -11.26 3.61
C ALA A 152 -8.07 -10.58 2.27
N ASP A 153 -7.93 -9.26 2.29
CA ASP A 153 -7.53 -8.56 1.09
C ASP A 153 -6.10 -8.99 0.76
N VAL A 154 -5.91 -9.51 -0.45
CA VAL A 154 -4.64 -10.07 -0.85
C VAL A 154 -3.50 -9.04 -0.83
N ARG A 155 -3.80 -7.79 -1.08
CA ARG A 155 -2.73 -6.80 -1.10
C ARG A 155 -2.19 -6.52 0.31
N GLN A 156 -3.08 -6.48 1.29
CA GLN A 156 -2.66 -6.15 2.63
C GLN A 156 -2.15 -7.34 3.45
N SER A 157 -2.51 -8.55 3.04
CA SER A 157 -2.11 -9.72 3.80
C SER A 157 -0.94 -10.44 3.15
N PHE A 158 -0.69 -10.23 1.87
CA PHE A 158 0.33 -10.99 1.13
C PHE A 158 1.26 -9.98 0.43
N CYS A 159 0.77 -9.27 -0.57
CA CYS A 159 1.67 -8.45 -1.40
C CYS A 159 2.58 -7.54 -0.58
N CYS A 160 2.07 -6.93 0.48
CA CYS A 160 2.87 -5.95 1.22
C CYS A 160 4.03 -6.58 2.01
N HIS A 161 4.10 -7.91 2.04
CA HIS A 161 5.22 -8.59 2.72
C HIS A 161 6.16 -9.33 1.75
N VAL A 162 5.92 -9.18 0.47
CA VAL A 162 6.64 -9.96 -0.53
C VAL A 162 7.55 -9.04 -1.33
N HIS A 163 8.81 -8.99 -0.93
CA HIS A 163 9.81 -8.03 -1.40
C HIS A 163 10.97 -8.66 -2.18
N PHE A 164 11.75 -7.83 -2.86
CA PHE A 164 13.05 -8.24 -3.40
C PHE A 164 14.15 -7.87 -2.40
N PHE A 165 15.18 -8.70 -2.35
CA PHE A 165 16.37 -8.49 -1.50
C PHE A 165 17.65 -8.68 -2.32
N ALA A 166 18.74 -8.03 -1.91
CA ALA A 166 19.99 -8.12 -2.69
C ALA A 166 20.55 -9.53 -2.70
N SER A 167 20.22 -10.28 -1.66
CA SER A 167 20.80 -11.61 -1.52
C SER A 167 20.05 -12.41 -0.48
N VAL A 168 20.25 -13.72 -0.51
CA VAL A 168 19.58 -14.58 0.45
C VAL A 168 20.06 -14.32 1.87
N PRO A 169 21.40 -14.23 2.10
CA PRO A 169 21.84 -13.91 3.47
C PRO A 169 21.21 -12.62 3.99
N THR A 170 21.20 -11.58 3.17
CA THR A 170 20.65 -10.28 3.57
C THR A 170 19.19 -10.45 3.97
N ALA A 171 18.45 -11.19 3.15
CA ALA A 171 17.02 -11.44 3.34
C ALA A 171 16.74 -12.21 4.62
N GLU A 172 17.56 -13.22 4.88
CA GLU A 172 17.42 -14.07 6.05
C GLU A 172 17.73 -13.30 7.34
N ASP A 173 18.75 -12.45 7.28
CA ASP A 173 19.04 -11.49 8.36
C ASP A 173 17.80 -10.61 8.67
N TRP A 174 17.20 -10.06 7.63
CA TRP A 174 15.98 -9.23 7.71
C TRP A 174 14.80 -10.01 8.30
N ALA A 175 14.69 -11.25 7.89
CA ALA A 175 13.59 -12.11 8.27
C ALA A 175 13.63 -12.46 9.77
N SER A 176 14.83 -12.55 10.33
CA SER A 176 14.96 -12.91 11.73
C SER A 176 14.44 -11.79 12.63
N LYS A 177 14.21 -10.60 12.07
CA LYS A 177 13.61 -9.51 12.83
C LYS A 177 12.16 -9.25 12.45
N HIS A 178 11.55 -10.25 11.81
CA HIS A 178 10.12 -10.31 11.64
C HIS A 178 9.66 -11.63 12.28
N GLN A 179 8.47 -11.66 12.87
CA GLN A 179 8.01 -12.85 13.57
C GLN A 179 6.51 -12.86 13.50
N GLY A 180 5.90 -14.00 13.81
CA GLY A 180 4.45 -14.09 13.80
C GLY A 180 3.76 -14.01 12.45
N LEU A 181 4.40 -13.33 11.50
CA LEU A 181 3.95 -13.29 10.11
C LEU A 181 3.93 -14.72 9.55
N GLU A 182 2.75 -15.34 9.48
CA GLU A 182 2.68 -16.76 9.20
C GLU A 182 3.29 -17.13 7.86
N GLY A 183 4.13 -18.16 7.88
CA GLY A 183 4.72 -18.72 6.70
C GLY A 183 5.85 -17.91 6.10
N LEU A 184 6.40 -16.94 6.83
CA LEU A 184 7.47 -16.12 6.30
C LEU A 184 8.63 -17.06 5.88
N ALA A 185 9.14 -16.86 4.67
CA ALA A 185 10.24 -17.70 4.15
C ALA A 185 11.02 -16.87 3.14
N ILE A 186 12.31 -17.18 2.99
CA ILE A 186 13.17 -16.44 2.08
C ILE A 186 13.47 -17.46 1.02
N VAL A 187 13.35 -17.10 -0.25
CA VAL A 187 13.84 -17.95 -1.32
C VAL A 187 14.62 -17.15 -2.32
N SER A 188 15.37 -17.83 -3.17
CA SER A 188 16.09 -17.14 -4.26
C SER A 188 15.05 -16.68 -5.28
N VAL A 189 15.39 -15.75 -6.15
CA VAL A 189 14.44 -15.28 -7.12
C VAL A 189 14.09 -16.44 -8.08
N HIS A 190 15.00 -17.39 -8.27
CA HIS A 190 14.74 -18.54 -9.14
C HIS A 190 13.67 -19.44 -8.57
N GLU A 191 13.72 -19.67 -7.26
CA GLU A 191 12.71 -20.49 -6.64
C GLU A 191 11.35 -19.76 -6.63
N ALA A 192 11.34 -18.43 -6.46
CA ALA A 192 10.08 -17.69 -6.51
C ALA A 192 9.51 -17.69 -7.92
N PHE A 193 10.37 -17.65 -8.92
CA PHE A 193 9.90 -17.69 -10.30
C PHE A 193 9.25 -19.05 -10.53
N GLY A 194 9.86 -20.12 -9.99
CA GLY A 194 9.32 -21.46 -10.18
C GLY A 194 7.99 -21.58 -9.50
N LEU A 195 7.87 -20.92 -8.35
CA LEU A 195 6.61 -20.87 -7.62
C LEU A 195 5.57 -20.23 -8.50
N GLY A 196 5.95 -19.14 -9.15
CA GLY A 196 4.98 -18.42 -9.95
C GLY A 196 4.57 -19.24 -11.13
N GLN A 197 5.48 -20.06 -11.63
CA GLN A 197 5.16 -20.93 -12.76
C GLN A 197 4.13 -22.01 -12.39
N GLU A 198 4.29 -22.63 -11.22
CA GLU A 198 3.31 -23.63 -10.74
C GLU A 198 1.97 -23.00 -10.46
N PHE A 199 1.99 -21.84 -9.83
CA PHE A 199 0.77 -21.04 -9.66
C PHE A 199 0.04 -20.80 -10.98
N ASN A 200 0.76 -20.28 -11.97
CA ASN A 200 0.14 -19.98 -13.27
C ASN A 200 -0.44 -21.23 -13.92
N ARG A 201 0.34 -22.31 -13.91
CA ARG A 201 -0.10 -23.53 -14.57
C ARG A 201 -1.41 -24.00 -13.96
N HIS A 202 -1.49 -23.95 -12.63
CA HIS A 202 -2.70 -24.37 -11.92
C HIS A 202 -3.85 -23.42 -12.22
N LEU A 203 -3.57 -22.12 -12.22
CA LEU A 203 -4.59 -21.12 -12.46
C LEU A 203 -5.15 -21.21 -13.89
N LEU A 204 -4.28 -21.42 -14.89
CA LEU A 204 -4.67 -21.55 -16.30
C LEU A 204 -5.38 -22.88 -16.56
N GLN A 205 -5.00 -23.93 -15.83
CA GLN A 205 -5.61 -25.26 -16.00
C GLN A 205 -7.09 -25.24 -15.59
N THR A 206 -7.59 -24.08 -15.15
CA THR A 206 -8.96 -23.97 -14.63
C THR A 206 -9.79 -22.81 -15.15
N MET A 207 -9.39 -22.22 -16.27
CA MET A 207 -10.20 -21.18 -16.92
C MET A 207 -11.07 -21.82 -18.00
N SER A 208 -11.87 -21.01 -18.70
CA SER A 208 -12.84 -21.52 -19.69
C SER A 208 -12.18 -21.92 -21.01
N MET B 1 13.79 12.98 20.70
CA MET B 1 14.79 13.46 19.73
C MET B 1 14.37 14.80 19.14
N LYS B 2 15.19 15.39 18.28
CA LYS B 2 14.88 16.66 17.67
C LYS B 2 14.01 16.38 16.44
N LEU B 3 12.76 16.81 16.50
CA LEU B 3 11.81 16.43 15.46
C LEU B 3 11.54 17.53 14.45
N ALA B 4 12.16 18.71 14.60
CA ALA B 4 11.95 19.77 13.61
C ALA B 4 12.17 19.27 12.17
N PRO B 5 13.24 18.48 11.93
CA PRO B 5 13.43 18.09 10.51
C PRO B 5 12.26 17.27 9.97
N TYR B 6 11.65 16.47 10.82
CA TYR B 6 10.53 15.62 10.40
C TYR B 6 9.28 16.45 10.17
N ILE B 7 9.04 17.39 11.07
CA ILE B 7 7.92 18.30 10.99
C ILE B 7 8.02 19.10 9.71
N LEU B 8 9.21 19.64 9.47
CA LEU B 8 9.43 20.49 8.30
C LEU B 8 9.13 19.75 7.01
N GLU B 9 9.70 18.57 6.85
CA GLU B 9 9.59 17.86 5.58
C GLU B 9 8.17 17.31 5.36
N LEU B 10 7.50 16.91 6.45
CA LEU B 10 6.11 16.46 6.38
C LEU B 10 5.18 17.56 5.91
N LEU B 11 5.30 18.70 6.56
CA LEU B 11 4.58 19.85 6.13
C LEU B 11 4.87 20.14 4.68
N THR B 12 6.14 20.06 4.27
CA THR B 12 6.44 20.38 2.87
C THR B 12 5.84 19.31 1.95
N SER B 13 5.87 18.04 2.36
CA SER B 13 5.41 16.92 1.49
C SER B 13 3.91 16.98 1.26
N VAL B 14 3.21 17.52 2.24
CA VAL B 14 1.76 17.56 2.23
C VAL B 14 1.23 18.89 1.68
N ASN B 15 1.87 19.99 2.04
CA ASN B 15 1.52 21.32 1.53
C ASN B 15 2.15 21.73 0.19
N ARG B 16 2.33 20.78 -0.70
CA ARG B 16 2.94 21.08 -2.00
C ARG B 16 2.07 22.01 -2.82
N THR B 17 0.77 21.89 -2.65
CA THR B 17 -0.16 22.79 -3.29
C THR B 17 -0.66 23.83 -2.30
N ASN B 18 -0.90 25.04 -2.78
CA ASN B 18 -1.61 26.02 -1.99
C ASN B 18 -3.06 25.56 -1.79
N GLY B 19 -3.59 25.70 -0.58
CA GLY B 19 -4.97 25.28 -0.29
C GLY B 19 -5.15 23.81 0.05
N THR B 20 -4.08 23.03 -0.03
CA THR B 20 -4.16 21.64 0.40
C THR B 20 -4.72 21.53 1.82
N ALA B 21 -4.25 22.41 2.70
CA ALA B 21 -4.57 22.32 4.10
C ALA B 21 -6.05 22.64 4.26
N ASP B 22 -6.50 23.66 3.54
CA ASP B 22 -7.89 24.04 3.53
C ASP B 22 -8.78 22.86 3.11
N LEU B 23 -8.30 22.06 2.17
CA LEU B 23 -9.10 20.97 1.65
C LEU B 23 -9.00 19.73 2.52
N LEU B 24 -7.81 19.45 3.06
CA LEU B 24 -7.56 18.22 3.83
C LEU B 24 -8.52 18.02 5.03
N VAL B 25 -8.70 19.05 5.85
CA VAL B 25 -9.54 18.88 7.02
C VAL B 25 -10.99 18.52 6.67
N PRO B 26 -11.68 19.32 5.83
CA PRO B 26 -13.04 18.96 5.42
C PRO B 26 -13.13 17.54 4.85
N LEU B 27 -12.15 17.20 4.01
CA LEU B 27 -12.11 15.88 3.38
C LEU B 27 -11.98 14.74 4.41
N LEU B 28 -11.06 14.85 5.34
CA LEU B 28 -11.02 13.90 6.46
C LEU B 28 -12.35 13.77 7.24
N ARG B 29 -13.00 14.90 7.51
CA ARG B 29 -14.23 14.88 8.31
C ARG B 29 -15.34 14.18 7.55
N GLU B 30 -15.34 14.34 6.24
CA GLU B 30 -16.30 13.63 5.42
C GLU B 30 -15.96 12.14 5.31
N LEU B 31 -14.70 11.82 5.10
CA LEU B 31 -14.32 10.41 4.99
C LEU B 31 -14.68 9.70 6.28
N ALA B 32 -14.57 10.43 7.38
CA ALA B 32 -14.89 9.90 8.73
C ALA B 32 -16.31 9.38 8.85
N LYS B 33 -17.18 9.74 7.90
CA LYS B 33 -18.57 9.23 7.89
C LYS B 33 -18.67 7.86 7.23
N GLY B 34 -17.57 7.39 6.65
CA GLY B 34 -17.51 6.04 6.14
C GLY B 34 -18.05 5.80 4.74
N ARG B 35 -18.36 6.88 4.02
CA ARG B 35 -18.84 6.80 2.66
C ARG B 35 -17.89 7.56 1.73
N PRO B 36 -17.84 7.18 0.45
CA PRO B 36 -17.06 7.94 -0.55
C PRO B 36 -17.39 9.43 -0.52
N VAL B 37 -16.42 10.27 -0.89
CA VAL B 37 -16.60 11.73 -0.90
C VAL B 37 -16.40 12.26 -2.32
N SER B 38 -17.38 13.02 -2.83
CA SER B 38 -17.31 13.56 -4.17
C SER B 38 -16.67 14.90 -4.17
N ARG B 39 -16.08 15.27 -5.31
CA ARG B 39 -15.48 16.59 -5.43
C ARG B 39 -16.52 17.70 -5.34
N THR B 40 -17.76 17.43 -5.76
CA THR B 40 -18.79 18.46 -5.65
C THR B 40 -19.17 18.68 -4.19
N THR B 41 -19.12 17.64 -3.36
CA THR B 41 -19.35 17.83 -1.92
C THR B 41 -18.27 18.73 -1.31
N LEU B 42 -17.00 18.42 -1.57
CA LEU B 42 -15.90 19.27 -1.13
C LEU B 42 -16.08 20.71 -1.59
N ALA B 43 -16.37 20.89 -2.88
CA ALA B 43 -16.61 22.22 -3.41
C ALA B 43 -17.70 22.93 -2.62
N GLY B 44 -18.80 22.23 -2.37
CA GLY B 44 -19.90 22.80 -1.61
C GLY B 44 -19.53 23.21 -0.20
N ILE B 45 -18.62 22.45 0.45
CA ILE B 45 -18.15 22.79 1.81
C ILE B 45 -17.10 23.91 1.85
N LEU B 46 -16.24 23.94 0.84
CA LEU B 46 -15.19 24.93 0.79
C LEU B 46 -15.62 26.20 0.11
N ASP B 47 -16.81 26.17 -0.51
CA ASP B 47 -17.28 27.27 -1.35
C ASP B 47 -16.22 27.60 -2.40
N TRP B 48 -15.69 26.55 -3.06
CA TRP B 48 -14.71 26.70 -4.14
C TRP B 48 -15.32 26.32 -5.46
N PRO B 49 -14.77 26.85 -6.56
CA PRO B 49 -15.10 26.26 -7.86
C PRO B 49 -14.52 24.85 -7.99
N ALA B 50 -15.11 24.03 -8.86
CA ALA B 50 -14.60 22.70 -9.19
C ALA B 50 -13.15 22.75 -9.58
N GLU B 51 -12.77 23.82 -10.27
CA GLU B 51 -11.45 23.93 -10.83
C GLU B 51 -10.42 23.87 -9.70
N ARG B 52 -10.73 24.52 -8.59
CA ARG B 52 -9.71 24.67 -7.57
C ARG B 52 -9.58 23.40 -6.74
N VAL B 53 -10.68 22.69 -6.54
CA VAL B 53 -10.64 21.36 -5.94
C VAL B 53 -9.82 20.41 -6.79
N ALA B 54 -10.05 20.45 -8.09
CA ALA B 54 -9.31 19.59 -9.03
C ALA B 54 -7.81 19.91 -8.97
N ALA B 55 -7.49 21.19 -8.86
CA ALA B 55 -6.09 21.61 -8.86
C ALA B 55 -5.38 21.07 -7.63
N VAL B 56 -6.03 21.13 -6.48
CA VAL B 56 -5.39 20.69 -5.24
C VAL B 56 -5.19 19.18 -5.29
N LEU B 57 -6.19 18.45 -5.77
CA LEU B 57 -6.07 17.01 -5.87
C LEU B 57 -5.14 16.52 -7.00
N GLU B 58 -4.77 17.36 -7.96
CA GLU B 58 -4.03 16.89 -9.13
C GLU B 58 -2.67 16.30 -8.78
N GLN B 59 -2.00 16.93 -7.83
CA GLN B 59 -0.68 16.47 -7.44
C GLN B 59 -0.75 15.63 -6.16
N ALA B 60 -1.95 15.27 -5.71
CA ALA B 60 -2.07 14.29 -4.63
C ALA B 60 -2.21 12.92 -5.25
N THR B 61 -1.10 12.37 -5.71
CA THR B 61 -1.10 11.20 -6.57
C THR B 61 -1.41 9.93 -5.82
N SER B 62 -1.40 10.06 -4.49
CA SER B 62 -1.67 8.94 -3.60
C SER B 62 -3.15 8.76 -3.27
N THR B 63 -3.95 9.78 -3.57
CA THR B 63 -5.38 9.74 -3.34
C THR B 63 -6.00 8.49 -3.93
N GLU B 64 -6.87 7.87 -3.16
CA GLU B 64 -7.54 6.64 -3.59
C GLU B 64 -8.98 6.96 -4.00
N TYR B 65 -9.36 6.41 -5.14
CA TYR B 65 -10.68 6.58 -5.72
C TYR B 65 -11.45 5.30 -5.88
N ASP B 66 -12.77 5.39 -5.94
CA ASP B 66 -13.57 4.21 -6.21
C ASP B 66 -14.08 4.18 -7.66
N LYS B 67 -14.90 3.17 -7.96
CA LYS B 67 -15.38 2.97 -9.33
C LYS B 67 -16.16 4.17 -9.92
N ASP B 68 -16.65 5.08 -9.07
CA ASP B 68 -17.37 6.28 -9.55
C ASP B 68 -16.44 7.47 -9.74
N GLY B 69 -15.18 7.30 -9.35
CA GLY B 69 -14.22 8.38 -9.38
C GLY B 69 -14.35 9.22 -8.13
N ASN B 70 -15.11 8.75 -7.15
CA ASN B 70 -15.19 9.45 -5.85
C ASN B 70 -14.05 9.13 -4.88
N ILE B 71 -13.83 10.00 -3.90
CA ILE B 71 -12.66 9.86 -3.05
C ILE B 71 -12.98 8.91 -1.93
N ILE B 72 -12.11 7.92 -1.74
CA ILE B 72 -12.31 6.95 -0.66
C ILE B 72 -11.12 6.91 0.27
N GLY B 73 -10.04 7.59 -0.09
CA GLY B 73 -8.84 7.55 0.73
C GLY B 73 -7.87 8.69 0.58
N TYR B 74 -7.60 9.35 1.67
CA TYR B 74 -6.56 10.32 1.72
C TYR B 74 -6.05 10.39 3.16
N GLY B 75 -5.04 9.60 3.48
CA GLY B 75 -4.58 9.46 4.86
C GLY B 75 -5.53 8.55 5.63
N LEU B 76 -6.77 9.00 5.73
CA LEU B 76 -7.87 8.20 6.27
C LEU B 76 -8.47 7.49 5.09
N THR B 77 -8.80 6.22 5.22
CA THR B 77 -9.30 5.51 4.05
C THR B 77 -10.37 4.45 4.34
N LEU B 78 -11.20 4.20 3.33
CA LEU B 78 -12.20 3.13 3.41
C LEU B 78 -11.65 1.79 2.94
N ARG B 79 -10.47 1.85 2.32
CA ARG B 79 -9.77 0.70 1.77
C ARG B 79 -8.81 0.09 2.80
N GLU B 80 -9.01 -1.19 3.10
CA GLU B 80 -8.21 -1.97 4.07
C GLU B 80 -6.68 -1.70 4.09
N THR B 81 -6.15 -1.41 5.28
CA THR B 81 -4.70 -1.31 5.50
C THR B 81 -4.37 -2.09 6.76
N SER B 82 -3.09 -2.12 7.14
CA SER B 82 -2.71 -2.73 8.45
C SER B 82 -3.07 -1.87 9.65
N TYR B 83 -3.65 -0.68 9.44
CA TYR B 83 -3.94 0.24 10.56
C TYR B 83 -5.45 0.44 10.66
N VAL B 84 -6.10 -0.29 11.57
CA VAL B 84 -7.54 -0.16 11.74
C VAL B 84 -7.83 1.08 12.56
N PHE B 85 -8.81 1.85 12.11
CA PHE B 85 -9.13 3.14 12.69
C PHE B 85 -10.64 3.16 12.88
N GLU B 86 -11.09 2.74 14.06
CA GLU B 86 -12.51 2.66 14.36
C GLU B 86 -13.03 3.95 14.99
N ILE B 87 -13.98 4.58 14.30
CA ILE B 87 -14.65 5.79 14.81
C ILE B 87 -16.15 5.73 14.53
N ASP B 88 -16.94 6.22 15.47
CA ASP B 88 -18.38 6.21 15.32
C ASP B 88 -18.88 4.81 14.98
N ASP B 89 -18.28 3.82 15.62
CA ASP B 89 -18.60 2.41 15.39
C ASP B 89 -18.55 2.02 13.93
N ARG B 90 -17.73 2.72 13.16
CA ARG B 90 -17.39 2.30 11.81
C ARG B 90 -15.92 1.96 11.76
N ARG B 91 -15.59 0.89 11.05
CA ARG B 91 -14.23 0.44 10.88
C ARG B 91 -13.63 1.11 9.64
N LEU B 92 -12.86 2.15 9.87
CA LEU B 92 -12.10 2.76 8.80
C LEU B 92 -10.63 2.38 8.96
N TYR B 93 -9.79 2.92 8.10
CA TYR B 93 -8.38 2.53 8.07
C TYR B 93 -7.50 3.75 7.88
N ALA B 94 -6.23 3.62 8.25
CA ALA B 94 -5.27 4.69 8.02
C ALA B 94 -4.03 4.21 7.27
N TRP B 95 -3.38 5.14 6.60
CA TRP B 95 -2.20 4.79 5.80
C TRP B 95 -0.93 4.47 6.61
N CYS B 96 -0.82 5.01 7.82
CA CYS B 96 0.36 4.72 8.67
C CYS B 96 0.06 4.94 10.12
N ALA B 97 1.04 4.63 10.95
CA ALA B 97 0.92 4.75 12.39
C ALA B 97 0.73 6.20 12.83
N LEU B 98 1.52 7.11 12.24
CA LEU B 98 1.44 8.50 12.62
C LEU B 98 0.05 9.05 12.25
N SER B 99 -0.51 8.59 11.12
CA SER B 99 -1.85 8.99 10.68
C SER B 99 -2.87 8.84 11.81
N THR B 100 -2.83 7.67 12.44
CA THR B 100 -3.78 7.33 13.47
C THR B 100 -3.64 8.30 14.67
N LEU B 101 -2.47 8.89 14.83
CA LEU B 101 -2.26 9.78 15.96
C LEU B 101 -2.69 11.21 15.66
N ILE B 102 -2.72 11.56 14.38
CA ILE B 102 -3.02 12.90 13.92
C ILE B 102 -4.50 13.15 13.67
N PHE B 103 -5.18 12.17 13.09
CA PHE B 103 -6.54 12.43 12.61
C PHE B 103 -7.60 12.75 13.65
N PRO B 104 -7.54 12.10 14.82
CA PRO B 104 -8.64 12.35 15.76
C PRO B 104 -8.79 13.83 16.12
N ALA B 105 -7.68 14.51 16.27
CA ALA B 105 -7.67 15.93 16.58
C ALA B 105 -8.25 16.72 15.45
N LEU B 106 -7.96 16.31 14.22
CA LEU B 106 -8.46 17.01 13.05
C LEU B 106 -9.95 16.71 12.78
N ILE B 107 -10.43 15.53 13.13
CA ILE B 107 -11.83 15.19 12.86
C ILE B 107 -12.67 15.36 14.11
N GLY B 108 -12.02 15.61 15.22
CA GLY B 108 -12.73 15.93 16.45
C GLY B 108 -13.48 14.75 17.05
N ARG B 109 -12.95 13.55 16.87
CA ARG B 109 -13.58 12.33 17.40
C ARG B 109 -12.53 11.35 17.93
N THR B 110 -12.90 10.55 18.90
CA THR B 110 -11.96 9.58 19.44
C THR B 110 -11.97 8.32 18.59
N ALA B 111 -10.79 7.75 18.36
CA ALA B 111 -10.64 6.56 17.55
C ALA B 111 -10.03 5.44 18.37
N ARG B 112 -10.44 4.20 18.10
CA ARG B 112 -9.77 3.04 18.63
C ARG B 112 -8.92 2.47 17.50
N VAL B 113 -7.61 2.43 17.74
CA VAL B 113 -6.65 2.02 16.74
C VAL B 113 -6.15 0.65 17.04
N SER B 114 -6.04 -0.18 16.02
CA SER B 114 -5.33 -1.44 16.21
C SER B 114 -4.50 -1.80 15.00
N SER B 115 -3.46 -2.60 15.26
CA SER B 115 -2.54 -2.96 14.23
C SER B 115 -1.72 -4.12 14.77
N HIS B 116 -0.59 -4.40 14.13
CA HIS B 116 0.33 -5.44 14.60
C HIS B 116 1.72 -4.87 14.67
N CYS B 117 2.50 -5.38 15.61
CA CYS B 117 3.90 -5.01 15.68
C CYS B 117 4.51 -5.39 14.35
N ALA B 118 5.18 -4.42 13.73
CA ALA B 118 5.85 -4.67 12.46
C ALA B 118 7.02 -5.66 12.60
N ALA B 119 7.60 -5.76 13.79
CA ALA B 119 8.75 -6.63 14.00
C ALA B 119 8.42 -8.01 14.59
N THR B 120 7.39 -8.10 15.44
CA THR B 120 7.06 -9.37 16.11
C THR B 120 5.68 -9.90 15.76
N GLY B 121 4.89 -9.08 15.10
CA GLY B 121 3.54 -9.47 14.74
C GLY B 121 2.57 -9.54 15.92
N ALA B 122 3.04 -9.15 17.10
CA ALA B 122 2.17 -9.05 18.26
C ALA B 122 1.08 -8.01 18.05
N PRO B 123 -0.14 -8.26 18.56
CA PRO B 123 -1.20 -7.27 18.40
C PRO B 123 -0.87 -6.03 19.21
N VAL B 124 -1.20 -4.86 18.67
CA VAL B 124 -1.09 -3.60 19.39
C VAL B 124 -2.38 -2.81 19.25
N SER B 125 -2.63 -1.90 20.19
CA SER B 125 -3.84 -1.11 20.13
C SER B 125 -3.73 0.08 21.05
N LEU B 126 -4.54 1.08 20.78
CA LEU B 126 -4.62 2.25 21.64
C LEU B 126 -5.86 3.04 21.26
N THR B 127 -6.22 3.97 22.13
CA THR B 127 -7.34 4.84 21.89
C THR B 127 -6.72 6.22 21.76
N VAL B 128 -7.09 6.93 20.71
CA VAL B 128 -6.52 8.23 20.47
C VAL B 128 -7.63 9.21 20.42
N SER B 129 -7.59 10.18 21.30
CA SER B 129 -8.60 11.21 21.31
C SER B 129 -8.03 12.50 20.72
N PRO B 130 -8.83 13.58 20.67
CA PRO B 130 -8.28 14.81 20.10
C PRO B 130 -7.18 15.44 20.96
N SER B 131 -7.12 15.07 22.23
CA SER B 131 -6.22 15.70 23.19
C SER B 131 -5.02 14.81 23.58
N GLU B 132 -5.21 13.51 23.54
CA GLU B 132 -4.22 12.58 24.13
C GLU B 132 -4.46 11.14 23.68
N ILE B 133 -3.50 10.28 23.93
CA ILE B 133 -3.70 8.85 23.73
C ILE B 133 -3.97 8.16 25.05
N GLN B 134 -4.66 7.03 24.99
CA GLN B 134 -4.88 6.20 26.17
C GLN B 134 -4.97 4.71 25.81
N ALA B 135 -4.95 3.87 26.83
CA ALA B 135 -5.09 2.42 26.67
C ALA B 135 -4.04 1.87 25.71
N VAL B 136 -2.82 2.40 25.83
CA VAL B 136 -1.71 1.98 25.00
C VAL B 136 -1.28 0.55 25.34
N GLU B 137 -1.46 -0.38 24.41
CA GLU B 137 -1.15 -1.79 24.66
C GLU B 137 -0.35 -2.38 23.52
N PRO B 138 0.90 -2.83 23.79
CA PRO B 138 1.63 -2.73 25.06
C PRO B 138 2.12 -1.33 25.42
N ALA B 139 2.27 -1.14 26.73
CA ALA B 139 2.63 0.14 27.30
C ALA B 139 3.89 0.73 26.64
N GLY B 140 4.79 -0.15 26.22
CA GLY B 140 6.06 0.28 25.64
C GLY B 140 6.06 0.48 24.14
N MET B 141 4.86 0.53 23.53
CA MET B 141 4.70 0.72 22.10
C MET B 141 5.58 1.83 21.53
N ALA B 142 6.21 1.55 20.39
CA ALA B 142 7.02 2.53 19.66
C ALA B 142 6.54 2.76 18.23
N VAL B 143 7.12 3.76 17.58
CA VAL B 143 6.81 4.11 16.18
C VAL B 143 8.12 4.34 15.41
N SER B 144 8.16 3.95 14.14
CA SER B 144 9.30 4.30 13.29
C SER B 144 8.96 5.58 12.50
N LEU B 145 9.94 6.45 12.35
CA LEU B 145 9.85 7.62 11.48
C LEU B 145 10.94 7.58 10.42
N VAL B 146 10.64 8.13 9.25
CA VAL B 146 11.65 8.38 8.23
C VAL B 146 11.56 9.82 7.79
N LEU B 147 12.60 10.30 7.09
CA LEU B 147 12.57 11.62 6.50
C LEU B 147 12.09 11.51 5.06
N PRO B 148 10.91 12.03 4.75
CA PRO B 148 10.55 12.06 3.33
C PRO B 148 11.50 13.01 2.62
N GLN B 149 11.82 12.75 1.36
CA GLN B 149 12.77 13.59 0.63
C GLN B 149 12.10 14.44 -0.45
N GLU B 150 12.58 15.68 -0.55
CA GLU B 150 12.30 16.60 -1.65
C GLU B 150 10.81 16.78 -1.94
N ALA B 151 10.01 16.89 -0.88
CA ALA B 151 8.57 17.04 -1.06
C ALA B 151 7.98 15.94 -1.98
N ALA B 152 8.41 14.69 -1.81
CA ALA B 152 7.84 13.59 -2.62
C ALA B 152 6.44 13.25 -2.09
N ASP B 153 5.64 12.51 -2.87
CA ASP B 153 4.29 12.13 -2.42
C ASP B 153 4.35 11.22 -1.18
N VAL B 154 3.62 11.66 -0.17
CA VAL B 154 3.81 11.19 1.18
C VAL B 154 3.64 9.67 1.37
N ARG B 155 2.69 9.03 0.69
CA ARG B 155 2.42 7.64 0.99
C ARG B 155 3.61 6.71 0.69
N GLN B 156 4.23 6.86 -0.48
CA GLN B 156 5.28 5.95 -0.87
C GLN B 156 6.65 6.36 -0.34
N SER B 157 6.81 7.59 0.13
CA SER B 157 8.08 8.01 0.69
C SER B 157 8.09 8.00 2.23
N PHE B 158 6.91 8.12 2.86
CA PHE B 158 6.84 8.28 4.32
C PHE B 158 5.90 7.22 4.96
N CYS B 159 4.62 7.22 4.63
CA CYS B 159 3.65 6.35 5.32
C CYS B 159 4.05 4.88 5.32
N CYS B 160 4.60 4.41 4.21
CA CYS B 160 4.82 2.96 4.07
C CYS B 160 5.91 2.45 5.03
N HIS B 161 6.57 3.38 5.72
CA HIS B 161 7.72 3.08 6.56
C HIS B 161 7.48 3.41 8.01
N VAL B 162 6.27 3.89 8.31
CA VAL B 162 5.89 4.44 9.60
C VAL B 162 4.90 3.48 10.27
N HIS B 163 5.45 2.63 11.13
CA HIS B 163 4.72 1.55 11.75
C HIS B 163 4.69 1.62 13.26
N PHE B 164 3.83 0.79 13.85
CA PHE B 164 3.89 0.52 15.30
C PHE B 164 4.76 -0.67 15.65
N PHE B 165 5.35 -0.64 16.84
CA PHE B 165 6.14 -1.74 17.37
C PHE B 165 5.83 -1.99 18.85
N ALA B 166 6.03 -3.23 19.28
CA ALA B 166 5.75 -3.64 20.65
C ALA B 166 6.63 -2.94 21.68
N SER B 167 7.86 -2.60 21.32
CA SER B 167 8.75 -1.92 22.23
C SER B 167 9.80 -1.15 21.43
N VAL B 168 10.53 -0.26 22.10
CA VAL B 168 11.58 0.48 21.44
C VAL B 168 12.77 -0.41 21.05
N PRO B 169 13.27 -1.28 21.96
CA PRO B 169 14.38 -2.15 21.56
C PRO B 169 14.02 -3.09 20.43
N THR B 170 12.78 -3.54 20.42
CA THR B 170 12.27 -4.33 19.33
C THR B 170 12.37 -3.52 18.04
N ALA B 171 11.91 -2.27 18.12
CA ALA B 171 11.93 -1.40 16.96
C ALA B 171 13.34 -1.08 16.50
N GLU B 172 14.25 -0.91 17.45
CA GLU B 172 15.64 -0.63 17.11
C GLU B 172 16.30 -1.83 16.42
N ASP B 173 15.99 -3.03 16.88
CA ASP B 173 16.46 -4.23 16.22
C ASP B 173 15.97 -4.32 14.78
N TRP B 174 14.70 -3.96 14.59
CA TRP B 174 14.07 -3.99 13.27
C TRP B 174 14.77 -2.99 12.38
N ALA B 175 15.01 -1.80 12.93
CA ALA B 175 15.59 -0.70 12.15
C ALA B 175 17.05 -0.99 11.73
N SER B 176 17.77 -1.77 12.50
CA SER B 176 19.15 -2.11 12.12
C SER B 176 19.17 -2.96 10.86
N LYS B 177 18.02 -3.49 10.44
CA LYS B 177 17.93 -4.27 9.22
C LYS B 177 17.25 -3.50 8.09
N HIS B 178 17.18 -2.18 8.26
CA HIS B 178 16.62 -1.31 7.25
C HIS B 178 17.55 -0.12 6.97
N GLN B 179 18.74 -0.46 6.47
CA GLN B 179 19.73 0.44 5.88
C GLN B 179 19.31 1.36 4.72
N GLY B 180 18.32 0.96 3.94
CA GLY B 180 17.86 1.76 2.82
C GLY B 180 17.18 3.08 3.18
N LEU B 181 16.48 3.11 4.33
CA LEU B 181 15.64 4.24 4.71
C LEU B 181 16.38 5.44 5.31
N GLU B 182 16.17 6.62 4.72
CA GLU B 182 16.83 7.85 5.14
C GLU B 182 16.20 8.51 6.39
N GLY B 183 17.03 8.80 7.38
CA GLY B 183 16.54 9.46 8.56
C GLY B 183 15.70 8.54 9.42
N LEU B 184 15.92 7.22 9.29
CA LEU B 184 15.14 6.25 10.05
C LEU B 184 15.39 6.38 11.54
N ALA B 185 14.32 6.57 12.30
CA ALA B 185 14.42 6.89 13.73
C ALA B 185 13.31 6.17 14.48
N ILE B 186 13.57 5.73 15.72
CA ILE B 186 12.53 5.07 16.52
C ILE B 186 12.17 5.96 17.69
N VAL B 187 10.87 6.19 17.89
CA VAL B 187 10.41 7.00 19.04
C VAL B 187 9.33 6.25 19.80
N SER B 188 9.05 6.67 21.03
CA SER B 188 7.91 6.13 21.78
C SER B 188 6.57 6.57 21.16
N VAL B 189 5.49 5.83 21.35
CA VAL B 189 4.24 6.25 20.72
C VAL B 189 3.83 7.64 21.29
N HIS B 190 4.20 7.96 22.53
CA HIS B 190 3.76 9.24 23.12
C HIS B 190 4.53 10.41 22.46
N GLU B 191 5.81 10.20 22.16
CA GLU B 191 6.60 11.16 21.39
C GLU B 191 6.04 11.34 19.96
N ALA B 192 5.67 10.25 19.30
CA ALA B 192 5.10 10.34 17.96
C ALA B 192 3.81 11.15 18.00
N PHE B 193 3.01 10.95 19.05
CA PHE B 193 1.77 11.72 19.24
C PHE B 193 2.08 13.20 19.37
N GLY B 194 3.13 13.55 20.10
CA GLY B 194 3.58 14.93 20.16
C GLY B 194 4.07 15.51 18.82
N LEU B 195 4.79 14.72 18.03
CA LEU B 195 5.14 15.14 16.69
C LEU B 195 3.88 15.46 15.92
N GLY B 196 2.91 14.54 16.03
CA GLY B 196 1.61 14.70 15.40
C GLY B 196 0.94 15.99 15.80
N GLN B 197 1.05 16.35 17.07
CA GLN B 197 0.46 17.59 17.58
C GLN B 197 1.10 18.82 16.93
N GLU B 198 2.42 18.80 16.82
CA GLU B 198 3.14 19.90 16.20
C GLU B 198 2.73 20.07 14.76
N PHE B 199 2.74 18.96 14.01
CA PHE B 199 2.27 18.95 12.62
C PHE B 199 0.90 19.58 12.46
N ASN B 200 -0.01 19.21 13.34
CA ASN B 200 -1.37 19.70 13.26
C ASN B 200 -1.42 21.20 13.52
N ARG B 201 -0.64 21.65 14.49
CA ARG B 201 -0.65 23.05 14.84
C ARG B 201 -0.15 23.88 13.63
N HIS B 202 1.01 23.52 13.10
CA HIS B 202 1.55 24.14 11.90
C HIS B 202 0.58 24.00 10.70
N LEU B 203 0.01 22.83 10.51
CA LEU B 203 -0.96 22.64 9.44
C LEU B 203 -2.15 23.61 9.55
N LEU B 204 -2.78 23.64 10.72
CA LEU B 204 -3.93 24.50 10.97
C LEU B 204 -3.65 26.00 10.89
N GLN B 205 -2.39 26.39 11.02
CA GLN B 205 -2.04 27.81 10.86
C GLN B 205 -2.09 28.22 9.39
N THR B 206 -1.82 27.27 8.51
CA THR B 206 -1.79 27.55 7.08
C THR B 206 -3.17 27.88 6.51
N MET B 207 -4.22 27.39 7.17
CA MET B 207 -5.59 27.59 6.72
C MET B 207 -6.05 29.05 6.80
N SER B 208 -7.29 29.30 6.39
CA SER B 208 -7.85 30.65 6.36
C SER B 208 -8.88 30.84 7.47
HG HG C . 0.75 -10.03 -4.96
BR BR D . 3.39 -29.39 1.82
HG HG E . 1.27 9.09 6.73
#